data_3CBC
#
_entry.id   3CBC
#
_cell.length_a   114.809
_cell.length_b   114.809
_cell.length_c   118.695
_cell.angle_alpha   90.00
_cell.angle_beta   90.00
_cell.angle_gamma   90.00
#
_symmetry.space_group_name_H-M   'P 41 21 2'
#
loop_
_entity.id
_entity.type
_entity.pdbx_description
1 polymer 'Neutrophil gelatinase-associated lipocalin'
2 non-polymer 'SULFATE ION'
3 non-polymer 'SODIUM ION'
4 non-polymer '2-(2,3-DIHYDROXY-BENZOYLAMINO)-3-HYDROXY-PROPIONIC ACID'
5 non-polymer GLYCEROL
6 water water
#
_entity_poly.entity_id   1
_entity_poly.type   'polypeptide(L)'
_entity_poly.pdbx_seq_one_letter_code
;MPLGLLWLGLALLGALHAQAQDSTSDLIPAPPLSKVPLQQNFQDNQFQGKWYVVGLAGNAILREDKDPQKMYATIYELKE
DKSYNVTSVLFRKKKCDYWIRTFVPGSQPGEFTLGNIKSYPGLTSFLVRVVSTNYNQHAMVFFKKVSQNREYFKITLYGR
TKELTSELKENFIRFSKSLGLPENHIVFPVPIDQCIDG
;
_entity_poly.pdbx_strand_id   A,B,C
#
# COMPACT_ATOMS: atom_id res chain seq x y z
N SER A 23 29.01 -20.69 17.06
CA SER A 23 29.91 -21.75 16.51
C SER A 23 29.16 -22.79 15.68
N THR A 24 27.85 -22.89 15.90
CA THR A 24 26.96 -23.71 15.07
C THR A 24 25.85 -22.82 14.52
N SER A 25 25.49 -23.05 13.25
CA SER A 25 24.50 -22.21 12.57
C SER A 25 23.89 -22.92 11.36
N ASP A 26 22.56 -22.95 11.31
CA ASP A 26 21.81 -23.47 10.16
C ASP A 26 21.14 -22.31 9.44
N LEU A 27 21.41 -22.19 8.14
CA LEU A 27 20.86 -21.10 7.33
C LEU A 27 20.14 -21.64 6.09
N ILE A 28 19.05 -20.97 5.71
CA ILE A 28 18.40 -21.25 4.43
C ILE A 28 19.35 -20.81 3.32
N PRO A 29 19.62 -21.69 2.34
CA PRO A 29 20.65 -21.39 1.36
C PRO A 29 20.33 -20.16 0.51
N ALA A 30 21.36 -19.42 0.12
CA ALA A 30 21.21 -18.29 -0.78
C ALA A 30 20.72 -18.79 -2.13
N PRO A 31 19.77 -18.06 -2.75
CA PRO A 31 19.26 -18.51 -4.04
C PRO A 31 20.28 -18.28 -5.15
N PRO A 32 20.13 -18.98 -6.28
CA PRO A 32 20.98 -18.69 -7.42
C PRO A 32 20.65 -17.32 -8.00
N LEU A 33 21.67 -16.59 -8.46
CA LEU A 33 21.50 -15.25 -9.01
C LEU A 33 20.49 -15.21 -10.18
N SER A 34 20.32 -16.36 -10.84
CA SER A 34 19.32 -16.50 -11.90
C SER A 34 17.88 -16.23 -11.44
N LYS A 35 17.61 -16.51 -10.16
CA LYS A 35 16.28 -16.27 -9.57
C LYS A 35 16.07 -14.83 -9.05
N VAL A 36 17.08 -13.98 -9.22
CA VAL A 36 17.01 -12.60 -8.75
C VAL A 36 17.07 -11.65 -9.95
N PRO A 37 15.92 -11.05 -10.33
CA PRO A 37 15.93 -10.14 -11.47
C PRO A 37 16.76 -8.87 -11.26
N LEU A 38 17.08 -8.20 -12.35
CA LEU A 38 17.76 -6.91 -12.34
C LEU A 38 16.85 -5.86 -12.93
N GLN A 39 16.81 -4.68 -12.31
CA GLN A 39 16.05 -3.55 -12.84
C GLN A 39 16.69 -3.07 -14.15
N GLN A 40 15.89 -3.05 -15.22
CA GLN A 40 16.37 -2.68 -16.54
C GLN A 40 16.67 -1.18 -16.64
N ASN A 41 17.73 -0.83 -17.37
CA ASN A 41 18.13 0.56 -17.58
C ASN A 41 18.21 1.34 -16.26
N PHE A 42 18.92 0.78 -15.29
CA PHE A 42 19.02 1.38 -13.96
C PHE A 42 19.59 2.79 -14.05
N GLN A 43 18.91 3.74 -13.40
CA GLN A 43 19.32 5.14 -13.39
C GLN A 43 19.89 5.50 -12.02
N ASP A 44 21.21 5.59 -11.94
CA ASP A 44 21.90 5.79 -10.67
C ASP A 44 21.59 7.14 -10.01
N ASN A 45 21.40 8.18 -10.81
CA ASN A 45 21.03 9.50 -10.30
C ASN A 45 19.63 9.53 -9.67
N GLN A 46 18.68 8.80 -10.27
CA GLN A 46 17.30 8.76 -9.77
C GLN A 46 17.13 7.93 -8.49
N PHE A 47 18.04 6.98 -8.25
CA PHE A 47 17.98 6.13 -7.06
C PHE A 47 18.57 6.83 -5.82
N GLN A 48 19.18 8.00 -6.01
CA GLN A 48 19.73 8.78 -4.90
C GLN A 48 18.67 9.23 -3.90
N GLY A 49 19.10 9.57 -2.70
CA GLY A 49 18.22 10.13 -1.68
C GLY A 49 17.84 9.14 -0.60
N LYS A 50 16.86 9.52 0.22
CA LYS A 50 16.45 8.71 1.37
C LYS A 50 15.40 7.67 0.97
N TRP A 51 15.63 6.43 1.42
CA TRP A 51 14.64 5.36 1.33
C TRP A 51 14.34 4.84 2.73
N TYR A 52 13.07 4.57 3.02
CA TYR A 52 12.67 3.92 4.25
C TYR A 52 12.63 2.40 4.04
N VAL A 53 13.12 1.65 5.02
CA VAL A 53 13.02 0.19 4.98
C VAL A 53 11.63 -0.23 5.47
N VAL A 54 10.72 -0.43 4.52
CA VAL A 54 9.33 -0.79 4.80
C VAL A 54 9.16 -2.30 5.01
N GLY A 55 10.00 -3.08 4.34
CA GLY A 55 10.02 -4.53 4.49
C GLY A 55 11.44 -5.06 4.54
N LEU A 56 11.62 -6.17 5.25
CA LEU A 56 12.94 -6.78 5.42
C LEU A 56 12.81 -8.29 5.53
N ALA A 57 13.51 -9.01 4.65
CA ALA A 57 13.50 -10.47 4.64
C ALA A 57 14.88 -11.03 4.35
N GLY A 58 15.15 -12.22 4.89
CA GLY A 58 16.43 -12.90 4.66
C GLY A 58 16.64 -14.12 5.54
N ASN A 59 17.73 -14.86 5.29
CA ASN A 59 18.01 -16.08 6.06
C ASN A 59 18.51 -15.82 7.49
N ALA A 60 18.97 -14.59 7.75
CA ALA A 60 19.36 -14.16 9.09
C ALA A 60 18.31 -13.27 9.76
N ILE A 61 17.26 -12.89 9.02
CA ILE A 61 16.15 -12.10 9.55
C ILE A 61 15.15 -13.01 10.25
N LEU A 62 14.76 -12.66 11.47
CA LEU A 62 13.77 -13.41 12.24
C LEU A 62 12.73 -12.48 12.85
N ARG A 63 11.46 -12.85 12.69
CA ARG A 63 10.35 -12.14 13.33
C ARG A 63 10.40 -12.34 14.84
N GLU A 64 10.17 -11.27 15.59
CA GLU A 64 10.08 -11.36 17.06
C GLU A 64 9.04 -10.36 17.60
N ASP A 65 7.91 -10.89 18.04
CA ASP A 65 6.77 -10.08 18.48
C ASP A 65 7.02 -9.36 19.81
N LYS A 66 7.90 -9.91 20.64
CA LYS A 66 8.23 -9.33 21.94
C LYS A 66 8.94 -7.97 21.81
N ASP A 67 9.82 -7.87 20.82
CA ASP A 67 10.56 -6.65 20.54
C ASP A 67 10.66 -6.43 19.02
N PRO A 68 9.55 -6.00 18.39
CA PRO A 68 9.49 -5.88 16.93
C PRO A 68 10.49 -4.90 16.33
N GLN A 69 10.92 -5.19 15.11
CA GLN A 69 11.85 -4.35 14.38
C GLN A 69 11.28 -2.94 14.17
N LYS A 70 12.06 -1.93 14.53
CA LYS A 70 11.71 -0.54 14.25
C LYS A 70 12.22 -0.15 12.87
N MET A 71 11.45 0.70 12.19
CA MET A 71 11.82 1.20 10.87
C MET A 71 13.12 2.02 10.94
N TYR A 72 13.98 1.82 9.96
CA TYR A 72 15.16 2.65 9.77
C TYR A 72 15.21 3.13 8.33
N ALA A 73 16.17 4.00 8.03
CA ALA A 73 16.27 4.62 6.71
C ALA A 73 17.68 4.50 6.16
N THR A 74 17.79 4.48 4.84
CA THR A 74 19.08 4.40 4.15
C THR A 74 19.15 5.47 3.06
N ILE A 75 20.22 6.27 3.10
CA ILE A 75 20.41 7.36 2.14
C ILE A 75 21.51 6.99 1.14
N TYR A 76 21.17 7.08 -0.14
CA TYR A 76 22.12 6.81 -1.23
C TYR A 76 22.51 8.14 -1.88
N GLU A 77 23.81 8.40 -1.99
CA GLU A 77 24.31 9.60 -2.67
C GLU A 77 25.50 9.29 -3.57
N LEU A 78 25.36 9.63 -4.86
CA LEU A 78 26.42 9.42 -5.85
C LEU A 78 27.60 10.33 -5.58
N LYS A 79 28.80 9.76 -5.57
CA LYS A 79 30.03 10.52 -5.46
C LYS A 79 30.47 10.93 -6.86
N GLU A 80 31.57 11.68 -6.95
CA GLU A 80 32.12 12.12 -8.23
C GLU A 80 32.42 10.94 -9.17
N ASP A 81 32.99 9.88 -8.60
CA ASP A 81 33.37 8.68 -9.37
C ASP A 81 32.19 7.72 -9.64
N LYS A 82 30.98 8.15 -9.31
CA LYS A 82 29.72 7.41 -9.56
C LYS A 82 29.51 6.18 -8.69
N SER A 83 30.29 6.06 -7.62
CA SER A 83 30.00 5.11 -6.56
C SER A 83 29.06 5.77 -5.56
N TYR A 84 28.30 4.96 -4.83
CA TYR A 84 27.37 5.46 -3.83
C TYR A 84 28.01 5.56 -2.46
N ASN A 85 27.76 6.66 -1.76
CA ASN A 85 27.98 6.73 -0.34
C ASN A 85 26.66 6.34 0.32
N VAL A 86 26.66 5.23 1.05
CA VAL A 86 25.44 4.66 1.61
C VAL A 86 25.41 4.82 3.13
N THR A 87 24.46 5.60 3.63
CA THR A 87 24.35 5.88 5.06
C THR A 87 23.01 5.40 5.61
N SER A 88 23.07 4.47 6.56
CA SER A 88 21.87 3.99 7.25
C SER A 88 21.75 4.67 8.61
N VAL A 89 20.54 5.06 8.97
CA VAL A 89 20.28 5.68 10.28
C VAL A 89 19.24 4.87 11.04
N LEU A 90 19.61 4.43 12.24
CA LEU A 90 18.76 3.58 13.08
C LEU A 90 18.58 4.21 14.46
N PHE A 91 17.37 4.08 15.01
CA PHE A 91 17.08 4.51 16.38
C PHE A 91 17.29 3.34 17.34
N ARG A 92 18.40 3.38 18.07
CA ARG A 92 18.76 2.33 19.02
C ARG A 92 19.31 2.92 20.32
N LYS A 93 18.82 2.41 21.45
CA LYS A 93 19.27 2.86 22.77
C LYS A 93 19.05 4.36 22.97
N LYS A 94 17.87 4.83 22.57
CA LYS A 94 17.48 6.25 22.68
C LYS A 94 18.38 7.23 21.90
N LYS A 95 19.16 6.71 20.96
CA LYS A 95 20.05 7.52 20.15
C LYS A 95 20.01 7.11 18.68
N CYS A 96 20.49 8.00 17.82
CA CYS A 96 20.59 7.74 16.39
C CYS A 96 21.97 7.20 16.04
N ASP A 97 22.00 5.98 15.51
CA ASP A 97 23.26 5.34 15.08
C ASP A 97 23.42 5.43 13.57
N TYR A 98 24.60 5.85 13.12
CA TYR A 98 24.88 6.04 11.69
C TYR A 98 25.91 5.02 11.18
N TRP A 99 25.50 4.23 10.19
CA TRP A 99 26.38 3.26 9.55
C TRP A 99 26.67 3.66 8.10
N ILE A 100 27.95 3.88 7.78
CA ILE A 100 28.36 4.36 6.46
C ILE A 100 29.15 3.30 5.69
N ARG A 101 28.74 3.07 4.43
CA ARG A 101 29.42 2.13 3.53
C ARG A 101 29.55 2.75 2.15
N THR A 102 30.33 2.10 1.29
CA THR A 102 30.50 2.51 -0.10
C THR A 102 30.09 1.36 -1.03
N PHE A 103 29.13 1.65 -1.92
CA PHE A 103 28.69 0.71 -2.94
C PHE A 103 29.36 1.08 -4.27
N VAL A 104 30.21 0.18 -4.76
CA VAL A 104 30.97 0.39 -5.99
C VAL A 104 30.25 -0.31 -7.15
N PRO A 105 30.07 0.40 -8.30
CA PRO A 105 29.40 -0.19 -9.47
C PRO A 105 29.99 -1.55 -9.89
N GLY A 106 29.10 -2.51 -10.11
CA GLY A 106 29.48 -3.89 -10.40
C GLY A 106 29.47 -4.24 -11.87
N SER A 107 29.14 -5.49 -12.17
CA SER A 107 29.26 -6.05 -13.52
C SER A 107 28.26 -5.45 -14.53
N GLN A 108 27.17 -4.87 -14.02
CA GLN A 108 26.14 -4.27 -14.86
C GLN A 108 25.34 -3.22 -14.09
N PRO A 109 24.65 -2.32 -14.81
CA PRO A 109 23.96 -1.23 -14.12
C PRO A 109 22.87 -1.73 -13.17
N GLY A 110 22.93 -1.28 -11.92
CA GLY A 110 22.01 -1.74 -10.88
C GLY A 110 22.63 -2.77 -9.94
N GLU A 111 23.88 -3.14 -10.22
CA GLU A 111 24.64 -4.08 -9.39
C GLU A 111 25.84 -3.39 -8.75
N PHE A 112 26.18 -3.81 -7.54
CA PHE A 112 27.27 -3.18 -6.79
C PHE A 112 28.03 -4.18 -5.92
N THR A 113 29.29 -3.85 -5.65
CA THR A 113 30.10 -4.54 -4.65
C THR A 113 30.45 -3.54 -3.54
N LEU A 114 31.03 -4.05 -2.47
CA LEU A 114 31.35 -3.22 -1.30
C LEU A 114 32.75 -2.64 -1.40
N GLY A 115 32.86 -1.33 -1.16
CA GLY A 115 34.16 -0.64 -1.15
C GLY A 115 34.91 -0.88 0.14
N ASN A 116 36.25 -0.90 0.04
CA ASN A 116 37.13 -1.13 1.18
CA ASN A 116 37.13 -1.12 1.19
C ASN A 116 36.71 -2.35 2.00
N ILE A 117 36.58 -3.48 1.32
CA ILE A 117 36.15 -4.73 1.95
C ILE A 117 37.13 -5.26 3.01
N LYS A 118 38.40 -4.87 2.89
CA LYS A 118 39.43 -5.27 3.85
C LYS A 118 39.18 -4.73 5.26
N SER A 119 38.50 -3.59 5.36
CA SER A 119 38.19 -2.98 6.65
C SER A 119 37.05 -3.66 7.40
N TYR A 120 36.45 -4.69 6.80
CA TYR A 120 35.38 -5.48 7.43
C TYR A 120 35.91 -6.87 7.78
N PRO A 121 36.20 -7.12 9.08
CA PRO A 121 36.75 -8.42 9.49
C PRO A 121 35.82 -9.59 9.19
N GLY A 122 36.34 -10.60 8.49
CA GLY A 122 35.60 -11.83 8.19
C GLY A 122 34.81 -11.80 6.90
N LEU A 123 34.74 -10.64 6.26
CA LEU A 123 33.91 -10.44 5.07
C LEU A 123 34.71 -10.66 3.78
N THR A 124 34.33 -11.69 3.03
CA THR A 124 35.05 -12.09 1.81
C THR A 124 34.25 -11.88 0.52
N SER A 125 32.96 -11.60 0.65
CA SER A 125 32.08 -11.40 -0.52
C SER A 125 30.89 -10.51 -0.16
N PHE A 126 30.49 -9.67 -1.11
CA PHE A 126 29.35 -8.75 -0.93
C PHE A 126 28.81 -8.31 -2.29
N LEU A 127 27.54 -8.62 -2.54
CA LEU A 127 26.88 -8.26 -3.79
C LEU A 127 25.54 -7.57 -3.51
N VAL A 128 25.26 -6.54 -4.29
CA VAL A 128 23.98 -5.83 -4.26
C VAL A 128 23.36 -5.86 -5.66
N ARG A 129 22.07 -6.16 -5.74
CA ARG A 129 21.34 -6.11 -7.00
C ARG A 129 19.97 -5.45 -6.80
N VAL A 130 19.77 -4.31 -7.44
CA VAL A 130 18.48 -3.64 -7.45
C VAL A 130 17.52 -4.46 -8.33
N VAL A 131 16.55 -5.10 -7.69
CA VAL A 131 15.62 -6.00 -8.39
C VAL A 131 14.57 -5.23 -9.18
N SER A 132 13.99 -4.22 -8.55
CA SER A 132 12.98 -3.38 -9.20
C SER A 132 12.83 -2.05 -8.47
N THR A 133 12.50 -1.00 -9.22
CA THR A 133 12.21 0.31 -8.64
C THR A 133 11.53 1.24 -9.65
N ASN A 134 10.66 2.11 -9.14
CA ASN A 134 10.14 3.23 -9.93
C ASN A 134 10.76 4.57 -9.49
N TYR A 135 11.74 4.49 -8.59
CA TYR A 135 12.57 5.64 -8.17
C TYR A 135 11.89 6.67 -7.26
N ASN A 136 10.59 6.88 -7.41
CA ASN A 136 9.88 7.93 -6.67
C ASN A 136 8.90 7.43 -5.60
N GLN A 137 8.76 6.12 -5.47
CA GLN A 137 7.86 5.54 -4.47
C GLN A 137 8.41 4.28 -3.80
N HIS A 138 8.90 3.33 -4.59
CA HIS A 138 9.30 2.03 -4.04
C HIS A 138 10.50 1.39 -4.76
N ALA A 139 11.11 0.43 -4.06
CA ALA A 139 12.22 -0.35 -4.61
C ALA A 139 12.37 -1.68 -3.88
N MET A 140 12.89 -2.67 -4.59
CA MET A 140 13.29 -3.95 -4.00
C MET A 140 14.76 -4.21 -4.34
N VAL A 141 15.56 -4.48 -3.30
CA VAL A 141 17.00 -4.65 -3.47
C VAL A 141 17.46 -5.94 -2.79
N PHE A 142 18.23 -6.73 -3.54
CA PHE A 142 18.76 -8.02 -3.07
C PHE A 142 20.20 -7.85 -2.61
N PHE A 143 20.50 -8.35 -1.41
CA PHE A 143 21.86 -8.34 -0.86
C PHE A 143 22.33 -9.76 -0.60
N LYS A 144 23.59 -10.03 -0.92
CA LYS A 144 24.22 -11.32 -0.61
C LYS A 144 25.64 -11.07 -0.12
N LYS A 145 26.01 -11.73 0.97
CA LYS A 145 27.36 -11.61 1.51
C LYS A 145 27.87 -12.93 2.09
N VAL A 146 29.19 -13.10 2.09
CA VAL A 146 29.84 -14.21 2.79
C VAL A 146 30.65 -13.64 3.95
N SER A 147 30.22 -13.97 5.17
CA SER A 147 30.85 -13.49 6.39
C SER A 147 31.12 -14.68 7.32
N GLN A 148 32.37 -14.80 7.77
CA GLN A 148 32.83 -15.95 8.57
C GLN A 148 32.58 -17.27 7.82
N ASN A 149 32.72 -17.23 6.49
CA ASN A 149 32.44 -18.36 5.60
C ASN A 149 30.97 -18.79 5.53
N ARG A 150 30.06 -18.01 6.12
CA ARG A 150 28.63 -18.28 6.04
C ARG A 150 27.99 -17.36 5.02
N GLU A 151 27.17 -17.93 4.14
CA GLU A 151 26.51 -17.17 3.08
C GLU A 151 25.14 -16.66 3.55
N TYR A 152 25.04 -15.34 3.72
CA TYR A 152 23.79 -14.68 4.08
C TYR A 152 23.18 -14.01 2.86
N PHE A 153 21.85 -13.94 2.83
CA PHE A 153 21.17 -13.13 1.82
C PHE A 153 20.01 -12.37 2.45
N LYS A 154 19.62 -11.28 1.81
CA LYS A 154 18.60 -10.38 2.34
C LYS A 154 17.92 -9.62 1.20
N ILE A 155 16.62 -9.40 1.35
CA ILE A 155 15.86 -8.54 0.45
C ILE A 155 15.19 -7.43 1.26
N THR A 156 15.38 -6.19 0.82
CA THR A 156 14.75 -5.05 1.46
C THR A 156 13.68 -4.46 0.54
N LEU A 157 12.54 -4.13 1.12
CA LEU A 157 11.51 -3.36 0.42
C LEU A 157 11.68 -1.90 0.84
N TYR A 158 12.14 -1.08 -0.10
CA TYR A 158 12.36 0.35 0.14
C TYR A 158 11.12 1.16 -0.22
N GLY A 159 10.84 2.18 0.60
CA GLY A 159 9.76 3.13 0.32
C GLY A 159 10.25 4.56 0.48
N ARG A 160 9.84 5.45 -0.42
CA ARG A 160 10.15 6.88 -0.27
C ARG A 160 9.35 7.46 0.90
N THR A 161 8.17 6.87 1.14
CA THR A 161 7.38 7.14 2.35
C THR A 161 7.43 5.90 3.26
N LYS A 162 6.98 6.08 4.51
CA LYS A 162 7.01 5.01 5.52
C LYS A 162 5.94 3.93 5.30
N GLU A 163 4.91 4.27 4.54
CA GLU A 163 3.84 3.33 4.20
C GLU A 163 3.87 3.01 2.71
N LEU A 164 3.56 1.75 2.39
CA LEU A 164 3.38 1.32 1.00
C LEU A 164 2.08 0.54 0.88
N THR A 165 1.60 0.39 -0.35
CA THR A 165 0.35 -0.31 -0.62
C THR A 165 0.42 -1.79 -0.24
N SER A 166 -0.74 -2.38 0.05
CA SER A 166 -0.82 -3.80 0.38
C SER A 166 -0.32 -4.65 -0.79
N GLU A 167 -0.60 -4.20 -2.01
CA GLU A 167 -0.14 -4.89 -3.22
C GLU A 167 1.39 -4.99 -3.28
N LEU A 168 2.06 -3.85 -3.08
CA LEU A 168 3.53 -3.81 -3.11
C LEU A 168 4.15 -4.66 -2.00
N LYS A 169 3.55 -4.62 -0.82
CA LYS A 169 4.00 -5.44 0.30
C LYS A 169 3.77 -6.93 0.05
N GLU A 170 2.66 -7.29 -0.57
CA GLU A 170 2.37 -8.69 -0.94
C GLU A 170 3.32 -9.20 -2.03
N ASN A 171 3.65 -8.33 -2.99
CA ASN A 171 4.63 -8.66 -4.03
CA ASN A 171 4.63 -8.67 -4.03
C ASN A 171 6.00 -8.98 -3.43
N PHE A 172 6.36 -8.23 -2.38
CA PHE A 172 7.62 -8.43 -1.65
C PHE A 172 7.60 -9.75 -0.88
N ILE A 173 6.45 -10.08 -0.29
CA ILE A 173 6.29 -11.33 0.45
C ILE A 173 6.48 -12.54 -0.47
N ARG A 174 5.83 -12.52 -1.63
CA ARG A 174 5.90 -13.68 -2.54
C ARG A 174 7.24 -13.77 -3.27
N PHE A 175 7.88 -12.64 -3.52
CA PHE A 175 9.24 -12.66 -4.08
C PHE A 175 10.23 -13.25 -3.06
N SER A 176 10.04 -12.89 -1.79
CA SER A 176 10.85 -13.44 -0.70
C SER A 176 10.63 -14.94 -0.55
N LYS A 177 9.36 -15.36 -0.64
CA LYS A 177 8.99 -16.78 -0.59
C LYS A 177 9.56 -17.56 -1.79
N SER A 178 9.61 -16.93 -2.95
CA SER A 178 10.18 -17.55 -4.15
C SER A 178 11.69 -17.80 -4.04
N LEU A 179 12.35 -17.09 -3.13
CA LEU A 179 13.77 -17.30 -2.84
C LEU A 179 14.01 -18.27 -1.67
N GLY A 180 12.93 -18.89 -1.16
CA GLY A 180 13.03 -19.94 -0.15
C GLY A 180 12.73 -19.51 1.28
N LEU A 181 12.27 -18.28 1.47
CA LEU A 181 12.07 -17.73 2.81
C LEU A 181 10.64 -17.94 3.30
N PRO A 182 10.48 -18.52 4.51
CA PRO A 182 9.16 -18.59 5.12
C PRO A 182 8.80 -17.27 5.81
N GLU A 183 7.52 -17.10 6.14
CA GLU A 183 7.02 -15.81 6.65
C GLU A 183 7.66 -15.34 7.95
N ASN A 184 8.10 -16.27 8.79
CA ASN A 184 8.82 -15.91 10.02
C ASN A 184 10.21 -15.32 9.76
N HIS A 185 10.66 -15.36 8.50
CA HIS A 185 11.88 -14.69 8.07
C HIS A 185 11.58 -13.44 7.23
N ILE A 186 10.34 -12.96 7.32
CA ILE A 186 9.89 -11.78 6.58
C ILE A 186 9.23 -10.82 7.56
N VAL A 187 9.84 -9.65 7.77
CA VAL A 187 9.31 -8.67 8.72
C VAL A 187 9.00 -7.33 8.05
N PHE A 188 8.06 -6.60 8.65
CA PHE A 188 7.72 -5.25 8.22
C PHE A 188 7.97 -4.30 9.38
N PRO A 189 9.14 -3.63 9.38
CA PRO A 189 9.50 -2.71 10.46
C PRO A 189 8.43 -1.68 10.80
N VAL A 190 8.28 -1.40 12.09
CA VAL A 190 7.26 -0.46 12.57
C VAL A 190 7.73 0.98 12.35
N PRO A 191 6.91 1.81 11.65
CA PRO A 191 7.25 3.21 11.46
C PRO A 191 7.54 3.95 12.77
N ILE A 192 8.61 4.74 12.76
CA ILE A 192 8.94 5.64 13.87
C ILE A 192 9.26 7.02 13.33
N ASP A 193 9.31 8.00 14.23
CA ASP A 193 9.63 9.39 13.86
C ASP A 193 11.07 9.78 14.21
N GLN A 194 11.62 9.14 15.24
CA GLN A 194 12.98 9.45 15.69
C GLN A 194 14.01 9.10 14.62
N CYS A 195 14.97 10.00 14.42
CA CYS A 195 16.16 9.80 13.56
C CYS A 195 15.93 9.78 12.04
N ILE A 196 14.86 9.10 11.60
CA ILE A 196 14.66 8.81 10.17
C ILE A 196 13.90 9.91 9.38
N ASP A 197 13.43 10.94 10.07
CA ASP A 197 12.72 12.05 9.42
C ASP A 197 13.64 13.21 9.03
N GLY A 198 14.93 13.08 9.30
CA GLY A 198 15.91 14.13 8.99
C GLY A 198 16.04 14.39 7.50
N THR B 24 -5.76 -30.32 28.63
CA THR B 24 -6.70 -31.26 27.96
C THR B 24 -7.18 -30.73 26.62
N SER B 25 -7.06 -29.43 26.43
CA SER B 25 -7.44 -28.78 25.18
C SER B 25 -6.87 -27.37 25.24
N ASP B 26 -6.38 -26.87 24.11
CA ASP B 26 -5.89 -25.50 24.01
C ASP B 26 -6.32 -24.92 22.66
N LEU B 27 -7.24 -23.96 22.69
CA LEU B 27 -7.79 -23.39 21.47
C LEU B 27 -7.59 -21.89 21.42
N ILE B 28 -7.23 -21.38 20.24
CA ILE B 28 -7.19 -19.95 19.97
C ILE B 28 -8.62 -19.43 20.20
N PRO B 29 -8.76 -18.36 21.01
CA PRO B 29 -10.11 -17.93 21.35
C PRO B 29 -10.93 -17.51 20.13
N ALA B 30 -12.23 -17.81 20.17
CA ALA B 30 -13.15 -17.35 19.13
C ALA B 30 -13.22 -15.83 19.19
N PRO B 31 -13.22 -15.19 18.00
CA PRO B 31 -13.21 -13.74 18.01
C PRO B 31 -14.56 -13.17 18.40
N PRO B 32 -14.59 -11.94 18.94
CA PRO B 32 -15.86 -11.30 19.17
C PRO B 32 -16.54 -11.04 17.84
N LEU B 33 -17.85 -11.26 17.80
CA LEU B 33 -18.60 -11.15 16.54
C LEU B 33 -18.61 -9.72 15.99
N SER B 34 -18.10 -8.78 16.78
CA SER B 34 -17.83 -7.43 16.29
C SER B 34 -16.67 -7.36 15.31
N LYS B 35 -15.77 -8.35 15.36
CA LYS B 35 -14.61 -8.41 14.48
C LYS B 35 -14.92 -9.15 13.18
N VAL B 36 -16.14 -9.65 13.05
CA VAL B 36 -16.58 -10.39 11.87
C VAL B 36 -17.69 -9.62 11.16
N PRO B 37 -17.36 -8.99 10.02
CA PRO B 37 -18.38 -8.25 9.28
C PRO B 37 -19.48 -9.14 8.70
N LEU B 38 -20.62 -8.53 8.41
CA LEU B 38 -21.73 -9.19 7.72
C LEU B 38 -21.96 -8.49 6.38
N GLN B 39 -22.01 -9.28 5.31
CA GLN B 39 -22.26 -8.75 3.97
C GLN B 39 -23.53 -7.90 3.96
N GLN B 40 -23.39 -6.66 3.48
CA GLN B 40 -24.53 -5.74 3.40
C GLN B 40 -25.53 -6.21 2.35
N ASN B 41 -26.81 -6.21 2.71
CA ASN B 41 -27.89 -6.52 1.79
C ASN B 41 -27.68 -7.86 1.11
N PHE B 42 -27.52 -8.91 1.92
CA PHE B 42 -27.25 -10.26 1.40
C PHE B 42 -28.38 -10.72 0.48
N GLN B 43 -28.01 -11.15 -0.72
CA GLN B 43 -28.95 -11.63 -1.72
C GLN B 43 -28.81 -13.13 -1.90
N ASP B 44 -29.75 -13.86 -1.30
CA ASP B 44 -29.71 -15.33 -1.26
C ASP B 44 -29.80 -15.99 -2.63
N ASN B 45 -30.58 -15.37 -3.53
CA ASN B 45 -30.72 -15.84 -4.91
C ASN B 45 -29.41 -15.77 -5.71
N GLN B 46 -28.55 -14.82 -5.35
CA GLN B 46 -27.26 -14.63 -6.01
C GLN B 46 -26.21 -15.62 -5.48
N PHE B 47 -26.35 -15.99 -4.20
CA PHE B 47 -25.36 -16.83 -3.50
C PHE B 47 -25.53 -18.32 -3.78
N GLN B 48 -26.71 -18.74 -4.24
CA GLN B 48 -26.98 -20.17 -4.46
C GLN B 48 -26.08 -20.76 -5.54
N GLY B 49 -25.85 -22.06 -5.46
CA GLY B 49 -25.02 -22.79 -6.42
C GLY B 49 -23.78 -23.39 -5.79
N LYS B 50 -22.93 -23.99 -6.61
CA LYS B 50 -21.73 -24.66 -6.13
C LYS B 50 -20.54 -23.72 -5.96
N TRP B 51 -19.93 -23.78 -4.78
CA TRP B 51 -18.66 -23.10 -4.52
C TRP B 51 -17.58 -24.15 -4.28
N TYR B 52 -16.35 -23.81 -4.67
CA TYR B 52 -15.18 -24.63 -4.36
C TYR B 52 -14.48 -24.05 -3.13
N VAL B 53 -14.12 -24.92 -2.20
CA VAL B 53 -13.40 -24.50 -0.99
C VAL B 53 -11.93 -24.25 -1.34
N VAL B 54 -11.64 -23.00 -1.69
CA VAL B 54 -10.30 -22.58 -2.11
C VAL B 54 -9.39 -22.30 -0.92
N GLY B 55 -9.98 -21.96 0.23
CA GLY B 55 -9.24 -21.68 1.45
C GLY B 55 -9.97 -22.09 2.72
N LEU B 56 -9.21 -22.58 3.70
CA LEU B 56 -9.73 -22.99 5.00
C LEU B 56 -8.86 -22.41 6.12
N ALA B 57 -9.52 -21.89 7.16
CA ALA B 57 -8.80 -21.35 8.32
C ALA B 57 -9.66 -21.41 9.58
N GLY B 58 -9.04 -21.72 10.71
CA GLY B 58 -9.76 -21.79 12.00
C GLY B 58 -8.91 -22.35 13.13
N ASN B 59 -9.44 -22.26 14.35
CA ASN B 59 -8.70 -22.70 15.55
C ASN B 59 -8.55 -24.22 15.68
N ALA B 60 -9.33 -24.98 14.90
CA ALA B 60 -9.20 -26.43 14.83
C ALA B 60 -8.57 -26.91 13.51
N ILE B 61 -8.27 -25.97 12.61
CA ILE B 61 -7.63 -26.28 11.33
C ILE B 61 -6.11 -26.23 11.48
N LEU B 62 -5.43 -27.24 10.95
CA LEU B 62 -3.96 -27.30 10.99
C LEU B 62 -3.40 -27.71 9.63
N ARG B 63 -2.41 -26.96 9.16
CA ARG B 63 -1.77 -27.25 7.88
C ARG B 63 -0.78 -28.40 8.01
N GLU B 64 -1.08 -29.51 7.34
CA GLU B 64 -0.22 -30.69 7.33
C GLU B 64 0.46 -30.83 5.96
N ASP B 65 1.79 -30.78 5.95
CA ASP B 65 2.56 -30.85 4.71
C ASP B 65 2.58 -32.26 4.12
N LYS B 66 2.42 -33.27 4.98
CA LYS B 66 2.39 -34.67 4.56
C LYS B 66 1.07 -35.01 3.87
N PRO B 68 -1.19 -32.75 2.53
CA PRO B 68 -2.01 -31.59 2.19
C PRO B 68 -3.45 -31.98 1.88
N GLN B 69 -4.39 -31.10 2.24
CA GLN B 69 -5.82 -31.36 2.09
C GLN B 69 -6.26 -31.23 0.64
N LYS B 70 -7.12 -32.15 0.19
CA LYS B 70 -7.69 -32.12 -1.14
C LYS B 70 -8.85 -31.14 -1.19
N MET B 71 -9.05 -30.52 -2.35
CA MET B 71 -10.13 -29.55 -2.53
C MET B 71 -11.47 -30.26 -2.58
N TYR B 72 -12.45 -29.72 -1.85
CA TYR B 72 -13.82 -30.21 -1.88
C TYR B 72 -14.78 -29.07 -2.22
N ALA B 73 -15.97 -29.44 -2.70
CA ALA B 73 -16.97 -28.47 -3.14
C ALA B 73 -18.19 -28.48 -2.23
N THR B 74 -18.94 -27.38 -2.26
CA THR B 74 -20.18 -27.24 -1.49
C THR B 74 -21.24 -26.56 -2.33
N ILE B 75 -22.42 -27.17 -2.42
CA ILE B 75 -23.53 -26.67 -3.25
C ILE B 75 -24.68 -26.16 -2.37
N TYR B 76 -24.97 -24.87 -2.49
CA TYR B 76 -26.06 -24.23 -1.74
C TYR B 76 -27.33 -24.18 -2.58
N GLU B 77 -28.31 -25.01 -2.22
CA GLU B 77 -29.61 -25.05 -2.90
C GLU B 77 -30.62 -24.16 -2.19
N LEU B 78 -30.90 -22.98 -2.77
CA LEU B 78 -31.92 -22.09 -2.22
C LEU B 78 -33.30 -22.71 -2.43
N LYS B 79 -33.86 -23.27 -1.37
CA LYS B 79 -35.16 -23.92 -1.43
C LYS B 79 -36.31 -22.92 -1.53
N GLU B 80 -37.51 -23.44 -1.77
CA GLU B 80 -38.71 -22.60 -1.92
C GLU B 80 -39.14 -21.94 -0.60
N ASP B 81 -38.69 -22.51 0.53
CA ASP B 81 -38.92 -21.92 1.85
C ASP B 81 -37.79 -20.96 2.30
N LYS B 82 -36.90 -20.65 1.36
CA LYS B 82 -35.76 -19.73 1.58
C LYS B 82 -34.65 -20.28 2.49
N SER B 83 -34.67 -21.59 2.73
CA SER B 83 -33.57 -22.27 3.42
C SER B 83 -32.59 -22.83 2.38
N TYR B 84 -31.37 -23.11 2.82
CA TYR B 84 -30.37 -23.73 1.98
C TYR B 84 -30.21 -25.21 2.33
N ASN B 85 -30.35 -26.07 1.33
CA ASN B 85 -29.88 -27.46 1.45
C ASN B 85 -28.43 -27.49 0.99
N VAL B 86 -27.53 -27.55 1.97
CA VAL B 86 -26.10 -27.50 1.72
C VAL B 86 -25.54 -28.92 1.60
N THR B 87 -25.08 -29.27 0.40
CA THR B 87 -24.48 -30.58 0.15
C THR B 87 -22.99 -30.43 -0.16
N SER B 88 -22.14 -31.01 0.69
CA SER B 88 -20.70 -30.97 0.50
CA SER B 88 -20.70 -30.97 0.50
C SER B 88 -20.21 -32.27 -0.13
N VAL B 89 -19.34 -32.16 -1.13
CA VAL B 89 -18.80 -33.31 -1.84
C VAL B 89 -17.27 -33.34 -1.74
N LEU B 90 -16.73 -34.41 -1.17
CA LEU B 90 -15.28 -34.60 -1.04
C LEU B 90 -14.85 -36.01 -1.48
N PHE B 91 -13.63 -36.10 -1.97
CA PHE B 91 -13.04 -37.37 -2.42
C PHE B 91 -12.24 -37.99 -1.27
N ARG B 92 -12.68 -39.15 -0.79
CA ARG B 92 -12.10 -39.75 0.42
C ARG B 92 -12.08 -41.28 0.44
N LYS B 93 -10.88 -41.84 0.25
CA LYS B 93 -10.55 -43.24 0.57
C LYS B 93 -11.46 -44.36 0.03
N LYS B 94 -11.66 -44.49 -1.28
CA LYS B 94 -11.30 -43.50 -2.29
C LYS B 94 -12.57 -43.26 -3.11
N LYS B 95 -13.58 -42.73 -2.43
CA LYS B 95 -14.93 -42.57 -2.96
C LYS B 95 -15.38 -41.12 -2.87
N CYS B 96 -16.56 -40.84 -3.41
CA CYS B 96 -17.18 -39.52 -3.29
C CYS B 96 -18.09 -39.49 -2.07
N ASP B 97 -17.59 -38.88 -1.00
CA ASP B 97 -18.37 -38.74 0.24
C ASP B 97 -19.25 -37.50 0.17
N TYR B 98 -20.57 -37.72 0.24
CA TYR B 98 -21.54 -36.64 0.24
C TYR B 98 -22.09 -36.44 1.65
N TRP B 99 -22.07 -35.19 2.10
CA TRP B 99 -22.64 -34.80 3.41
C TRP B 99 -23.60 -33.64 3.19
N ILE B 100 -24.88 -33.89 3.50
CA ILE B 100 -25.94 -32.91 3.28
C ILE B 100 -26.53 -32.40 4.59
N ARG B 101 -26.55 -31.08 4.76
CA ARG B 101 -27.18 -30.44 5.93
C ARG B 101 -28.05 -29.27 5.50
N THR B 102 -28.79 -28.70 6.45
CA THR B 102 -29.72 -27.60 6.17
C THR B 102 -29.33 -26.33 6.95
N PHE B 103 -29.13 -25.23 6.24
CA PHE B 103 -28.91 -23.93 6.85
C PHE B 103 -30.20 -23.11 6.77
N VAL B 104 -30.77 -22.79 7.93
CA VAL B 104 -31.99 -21.98 8.01
C VAL B 104 -31.65 -20.52 8.32
N PRO B 105 -32.30 -19.56 7.62
CA PRO B 105 -32.07 -18.13 7.84
C PRO B 105 -32.14 -17.68 9.31
N GLY B 106 -31.22 -16.80 9.70
CA GLY B 106 -31.14 -16.29 11.06
C GLY B 106 -31.80 -14.93 11.24
N SER B 107 -31.33 -14.19 12.24
CA SER B 107 -31.89 -12.89 12.61
C SER B 107 -31.92 -11.93 11.41
N GLN B 108 -30.77 -11.74 10.79
CA GLN B 108 -30.60 -10.81 9.67
C GLN B 108 -30.09 -11.56 8.44
N PRO B 109 -30.37 -11.03 7.24
CA PRO B 109 -29.96 -11.71 6.00
C PRO B 109 -28.44 -11.87 5.90
N GLY B 110 -28.00 -13.06 5.50
CA GLY B 110 -26.58 -13.42 5.46
C GLY B 110 -26.15 -14.29 6.64
N GLU B 111 -27.02 -14.43 7.63
CA GLU B 111 -26.77 -15.28 8.79
C GLU B 111 -27.64 -16.54 8.73
N PHE B 112 -27.11 -17.65 9.25
CA PHE B 112 -27.83 -18.92 9.27
C PHE B 112 -27.54 -19.72 10.53
N THR B 113 -28.48 -20.62 10.85
CA THR B 113 -28.31 -21.60 11.91
C THR B 113 -28.43 -23.00 11.31
N LEU B 114 -28.03 -24.02 12.06
CA LEU B 114 -28.08 -25.39 11.57
C LEU B 114 -29.47 -26.00 11.78
N GLY B 115 -30.08 -26.44 10.69
CA GLY B 115 -31.35 -27.15 10.76
C GLY B 115 -31.17 -28.48 11.45
N ASN B 116 -32.09 -28.80 12.37
CA ASN B 116 -32.03 -30.05 13.13
C ASN B 116 -30.74 -30.14 13.98
N ILE B 117 -30.37 -29.02 14.59
CA ILE B 117 -29.16 -28.94 15.43
C ILE B 117 -29.19 -29.94 16.60
N LYS B 118 -30.40 -30.22 17.09
CA LYS B 118 -30.58 -31.14 18.22
C LYS B 118 -30.21 -32.58 17.89
N SER B 119 -30.23 -32.95 16.61
CA SER B 119 -29.90 -34.31 16.17
C SER B 119 -28.38 -34.57 16.13
N TYR B 120 -27.58 -33.52 16.26
CA TYR B 120 -26.12 -33.66 16.30
C TYR B 120 -25.64 -33.75 17.74
N PRO B 121 -25.09 -34.92 18.14
CA PRO B 121 -24.69 -35.11 19.53
C PRO B 121 -23.43 -34.32 19.87
N GLY B 122 -23.48 -33.57 20.97
CA GLY B 122 -22.37 -32.72 21.41
C GLY B 122 -22.52 -31.27 20.98
N LEU B 123 -23.17 -31.04 19.84
CA LEU B 123 -23.33 -29.70 19.27
C LEU B 123 -24.46 -28.95 19.95
N THR B 124 -24.09 -27.91 20.72
CA THR B 124 -25.07 -27.10 21.46
C THR B 124 -25.31 -25.72 20.83
N SER B 125 -24.28 -25.15 20.20
CA SER B 125 -24.41 -23.89 19.47
C SER B 125 -23.80 -23.99 18.07
N PHE B 126 -24.39 -23.26 17.12
CA PHE B 126 -23.90 -23.23 15.73
C PHE B 126 -24.40 -21.98 15.02
N LEU B 127 -23.48 -21.25 14.40
CA LEU B 127 -23.80 -20.01 13.69
C LEU B 127 -23.01 -19.92 12.39
N VAL B 128 -23.67 -19.41 11.34
CA VAL B 128 -23.03 -19.10 10.07
C VAL B 128 -23.27 -17.64 9.74
N ARG B 129 -22.24 -16.98 9.23
CA ARG B 129 -22.31 -15.56 8.84
C ARG B 129 -21.48 -15.32 7.59
N VAL B 130 -22.14 -14.86 6.53
CA VAL B 130 -21.45 -14.51 5.28
C VAL B 130 -20.74 -13.18 5.48
N VAL B 131 -19.41 -13.21 5.47
CA VAL B 131 -18.60 -12.03 5.75
C VAL B 131 -18.63 -11.05 4.58
N SER B 132 -18.24 -11.53 3.41
CA SER B 132 -18.26 -10.72 2.19
C SER B 132 -18.31 -11.62 0.96
N THR B 133 -18.99 -11.13 -0.08
CA THR B 133 -19.08 -11.85 -1.34
C THR B 133 -19.54 -10.93 -2.48
N ASN B 134 -19.08 -11.22 -3.69
CA ASN B 134 -19.60 -10.58 -4.90
C ASN B 134 -20.44 -11.57 -5.73
N TYR B 135 -20.73 -12.73 -5.13
CA TYR B 135 -21.67 -13.72 -5.68
C TYR B 135 -21.20 -14.50 -6.91
N ASN B 136 -20.51 -13.83 -7.83
CA ASN B 136 -20.13 -14.42 -9.12
C ASN B 136 -18.67 -14.92 -9.18
N GLN B 137 -17.86 -14.55 -8.19
CA GLN B 137 -16.44 -14.92 -8.17
C GLN B 137 -16.03 -15.54 -6.84
N HIS B 138 -16.12 -14.74 -5.77
CA HIS B 138 -15.56 -15.10 -4.47
C HIS B 138 -16.55 -14.88 -3.32
N ALA B 139 -16.26 -15.52 -2.19
CA ALA B 139 -17.05 -15.35 -0.97
C ALA B 139 -16.27 -15.82 0.27
N MET B 140 -16.44 -15.09 1.37
CA MET B 140 -15.90 -15.49 2.67
C MET B 140 -17.03 -15.71 3.67
N VAL B 141 -17.03 -16.89 4.29
CA VAL B 141 -18.09 -17.28 5.22
C VAL B 141 -17.52 -17.72 6.58
N PHE B 142 -18.05 -17.11 7.64
CA PHE B 142 -17.60 -17.37 9.01
C PHE B 142 -18.50 -18.40 9.69
N PHE B 143 -17.88 -19.42 10.28
CA PHE B 143 -18.59 -20.45 11.04
C PHE B 143 -18.12 -20.45 12.50
N LYS B 144 -19.07 -20.57 13.42
CA LYS B 144 -18.76 -20.71 14.85
C LYS B 144 -19.69 -21.72 15.51
N LYS B 145 -19.13 -22.59 16.34
CA LYS B 145 -19.90 -23.61 17.04
C LYS B 145 -19.36 -23.92 18.44
N VAL B 146 -20.25 -24.37 19.32
CA VAL B 146 -19.87 -24.90 20.63
C VAL B 146 -20.12 -26.41 20.62
N SER B 147 -19.04 -27.18 20.67
CA SER B 147 -19.10 -28.63 20.66
C SER B 147 -18.34 -29.19 21.86
N GLN B 148 -19.04 -29.98 22.68
CA GLN B 148 -18.48 -30.53 23.93
C GLN B 148 -17.94 -29.40 24.82
N ASN B 149 -18.71 -28.32 24.93
CA ASN B 149 -18.35 -27.13 25.72
C ASN B 149 -17.17 -26.30 25.19
N ARG B 150 -16.58 -26.73 24.07
CA ARG B 150 -15.44 -26.03 23.47
C ARG B 150 -15.90 -25.17 22.29
N GLU B 151 -15.49 -23.91 22.29
CA GLU B 151 -15.86 -22.98 21.22
C GLU B 151 -14.86 -23.04 20.07
N TYR B 152 -15.34 -23.46 18.91
CA TYR B 152 -14.54 -23.49 17.68
C TYR B 152 -15.03 -22.44 16.70
N PHE B 153 -14.12 -21.95 15.85
CA PHE B 153 -14.48 -21.06 14.76
C PHE B 153 -13.72 -21.38 13.48
N LYS B 154 -14.27 -20.96 12.36
CA LYS B 154 -13.71 -21.26 11.03
C LYS B 154 -14.10 -20.19 10.02
N ILE B 155 -13.16 -19.86 9.13
CA ILE B 155 -13.43 -19.02 7.97
C ILE B 155 -13.09 -19.80 6.71
N THR B 156 -14.07 -19.90 5.80
CA THR B 156 -13.87 -20.58 4.52
CA THR B 156 -13.89 -20.58 4.52
C THR B 156 -13.85 -19.57 3.38
N LEU B 157 -12.87 -19.73 2.48
CA LEU B 157 -12.77 -18.91 1.28
C LEU B 157 -13.40 -19.70 0.15
N TYR B 158 -14.54 -19.21 -0.36
CA TYR B 158 -15.24 -19.86 -1.45
C TYR B 158 -14.84 -19.23 -2.79
N GLY B 159 -14.82 -20.07 -3.83
CA GLY B 159 -14.54 -19.63 -5.19
C GLY B 159 -15.42 -20.38 -6.17
N ARG B 160 -15.95 -19.67 -7.16
CA ARG B 160 -16.81 -20.29 -8.19
C ARG B 160 -16.02 -21.21 -9.11
N THR B 161 -14.78 -20.85 -9.36
CA THR B 161 -13.82 -21.72 -10.04
C THR B 161 -12.89 -22.34 -9.00
N LYS B 162 -12.10 -23.32 -9.43
CA LYS B 162 -11.18 -24.04 -8.53
C LYS B 162 -9.89 -23.28 -8.22
N GLU B 163 -9.79 -22.05 -8.74
CA GLU B 163 -8.67 -21.17 -8.45
C GLU B 163 -9.12 -19.71 -8.35
N LEU B 164 -8.45 -18.95 -7.50
CA LEU B 164 -8.71 -17.51 -7.33
C LEU B 164 -7.41 -16.73 -7.47
N THR B 165 -7.53 -15.40 -7.56
CA THR B 165 -6.37 -14.52 -7.66
C THR B 165 -5.61 -14.45 -6.33
N SER B 166 -4.37 -14.00 -6.39
CA SER B 166 -3.55 -13.80 -5.19
C SER B 166 -4.11 -12.66 -4.33
N GLU B 167 -4.70 -11.66 -4.99
CA GLU B 167 -5.44 -10.60 -4.32
C GLU B 167 -6.52 -11.15 -3.38
N LEU B 168 -7.30 -12.10 -3.90
CA LEU B 168 -8.39 -12.72 -3.14
C LEU B 168 -7.87 -13.56 -1.99
N LYS B 169 -6.87 -14.40 -2.26
CA LYS B 169 -6.27 -15.27 -1.24
C LYS B 169 -5.50 -14.49 -0.17
N GLU B 170 -4.89 -13.37 -0.57
CA GLU B 170 -4.15 -12.51 0.36
C GLU B 170 -5.08 -11.80 1.34
N ASN B 171 -6.20 -11.32 0.84
CA ASN B 171 -7.24 -10.72 1.69
C ASN B 171 -7.83 -11.72 2.68
N PHE B 172 -7.93 -12.98 2.26
CA PHE B 172 -8.40 -14.07 3.12
C PHE B 172 -7.41 -14.34 4.27
N ILE B 173 -6.13 -14.41 3.93
CA ILE B 173 -5.07 -14.57 4.94
C ILE B 173 -5.05 -13.39 5.90
N ARG B 174 -5.18 -12.18 5.37
CA ARG B 174 -5.21 -10.96 6.18
C ARG B 174 -6.40 -10.97 7.15
N PHE B 175 -7.57 -11.36 6.65
CA PHE B 175 -8.77 -11.43 7.49
C PHE B 175 -8.64 -12.52 8.56
N SER B 176 -8.04 -13.65 8.18
CA SER B 176 -7.80 -14.75 9.11
C SER B 176 -6.89 -14.34 10.26
N LYS B 177 -5.80 -13.63 9.93
CA LYS B 177 -4.85 -13.16 10.94
C LYS B 177 -5.47 -12.12 11.89
N SER B 178 -6.39 -11.31 11.36
CA SER B 178 -7.09 -10.30 12.16
C SER B 178 -8.01 -10.93 13.22
N LEU B 179 -8.42 -12.18 12.98
CA LEU B 179 -9.20 -12.95 13.96
C LEU B 179 -8.33 -13.81 14.88
N GLY B 180 -7.01 -13.64 14.78
CA GLY B 180 -6.06 -14.29 15.70
C GLY B 180 -5.47 -15.61 15.25
N LEU B 181 -5.64 -15.94 13.97
CA LEU B 181 -5.15 -17.23 13.43
C LEU B 181 -3.78 -17.05 12.78
N PRO B 182 -2.77 -17.84 13.22
CA PRO B 182 -1.47 -17.79 12.57
C PRO B 182 -1.44 -18.56 11.25
N GLU B 183 -0.29 -18.51 10.57
CA GLU B 183 -0.16 -19.05 9.21
C GLU B 183 -0.42 -20.56 9.09
N ASN B 184 -0.01 -21.32 10.10
CA ASN B 184 -0.19 -22.78 10.09
C ASN B 184 -1.64 -23.22 10.36
N HIS B 185 -2.49 -22.28 10.78
CA HIS B 185 -3.93 -22.50 10.88
C HIS B 185 -4.69 -21.98 9.64
N ILE B 186 -3.95 -21.65 8.59
CA ILE B 186 -4.54 -21.21 7.32
C ILE B 186 -4.05 -22.12 6.20
N VAL B 187 -4.97 -22.83 5.57
CA VAL B 187 -4.63 -23.81 4.54
C VAL B 187 -5.37 -23.55 3.22
N PHE B 188 -4.78 -24.02 2.13
CA PHE B 188 -5.35 -23.86 0.79
C PHE B 188 -5.45 -25.22 0.11
N PRO B 189 -6.63 -25.87 0.22
CA PRO B 189 -6.83 -27.20 -0.35
C PRO B 189 -6.37 -27.33 -1.81
N VAL B 190 -5.65 -28.41 -2.10
CA VAL B 190 -5.10 -28.65 -3.44
C VAL B 190 -6.22 -29.04 -4.43
N PRO B 191 -6.30 -28.33 -5.58
CA PRO B 191 -7.32 -28.64 -6.58
C PRO B 191 -7.30 -30.09 -7.07
N ILE B 192 -8.49 -30.66 -7.26
CA ILE B 192 -8.64 -32.02 -7.81
C ILE B 192 -9.83 -32.07 -8.76
N ASP B 193 -9.92 -33.15 -9.53
CA ASP B 193 -10.97 -33.32 -10.53
C ASP B 193 -12.03 -34.37 -10.15
N GLN B 194 -11.75 -35.15 -9.11
CA GLN B 194 -12.65 -36.25 -8.72
CA GLN B 194 -12.64 -36.25 -8.71
C GLN B 194 -13.80 -35.73 -7.85
N CYS B 195 -15.01 -36.21 -8.14
CA CYS B 195 -16.23 -35.91 -7.37
C CYS B 195 -16.77 -34.47 -7.42
N ILE B 196 -15.88 -33.48 -7.30
CA ILE B 196 -16.29 -32.09 -7.12
C ILE B 196 -16.79 -31.37 -8.39
N ASP B 197 -16.78 -32.05 -9.52
CA ASP B 197 -17.26 -31.48 -10.78
C ASP B 197 -18.63 -32.04 -11.16
N SER C 23 -10.75 44.91 -4.68
CA SER C 23 -11.15 43.70 -3.90
C SER C 23 -11.10 43.99 -2.40
N THR C 24 -12.28 44.14 -1.79
CA THR C 24 -12.41 44.42 -0.35
C THR C 24 -13.49 43.59 0.34
N SER C 25 -13.93 42.51 -0.30
CA SER C 25 -15.01 41.66 0.24
C SER C 25 -14.52 40.76 1.37
N ASP C 26 -15.46 40.19 2.12
CA ASP C 26 -15.13 39.28 3.21
C ASP C 26 -14.60 37.96 2.65
N LEU C 27 -13.68 37.33 3.38
CA LEU C 27 -13.02 36.11 2.92
C LEU C 27 -13.19 34.96 3.90
N ILE C 28 -13.32 33.74 3.38
CA ILE C 28 -13.27 32.53 4.19
C ILE C 28 -11.86 32.44 4.78
N PRO C 29 -11.75 32.17 6.09
CA PRO C 29 -10.42 32.23 6.70
C PRO C 29 -9.47 31.15 6.18
N ALA C 30 -8.19 31.48 6.13
CA ALA C 30 -7.16 30.49 5.84
C ALA C 30 -7.17 29.46 6.96
N PRO C 31 -7.02 28.16 6.62
CA PRO C 31 -7.05 27.14 7.65
C PRO C 31 -5.77 27.14 8.47
N PRO C 32 -5.82 26.55 9.69
CA PRO C 32 -4.56 26.37 10.41
C PRO C 32 -3.67 25.38 9.66
N LEU C 33 -2.36 25.66 9.61
CA LEU C 33 -1.41 24.82 8.88
C LEU C 33 -1.44 23.34 9.31
N SER C 34 -1.87 23.09 10.56
CA SER C 34 -2.05 21.72 11.07
C SER C 34 -3.03 20.88 10.25
N LYS C 35 -3.98 21.54 9.58
CA LYS C 35 -4.94 20.86 8.70
C LYS C 35 -4.43 20.66 7.26
N VAL C 36 -3.20 21.11 6.99
CA VAL C 36 -2.61 21.02 5.66
C VAL C 36 -1.37 20.12 5.70
N PRO C 37 -1.52 18.84 5.31
CA PRO C 37 -0.38 17.93 5.33
C PRO C 37 0.74 18.33 4.38
N LEU C 38 1.94 17.83 4.68
CA LEU C 38 3.11 18.00 3.84
C LEU C 38 3.50 16.64 3.29
N GLN C 39 3.77 16.58 1.99
CA GLN C 39 4.24 15.34 1.35
C GLN C 39 5.51 14.86 2.03
N GLN C 40 5.47 13.64 2.53
CA GLN C 40 6.61 13.00 3.20
C GLN C 40 7.76 12.77 2.21
N ASN C 41 8.97 13.15 2.62
CA ASN C 41 10.19 12.91 1.83
C ASN C 41 10.05 13.44 0.39
N PHE C 42 9.73 14.73 0.28
CA PHE C 42 9.51 15.36 -1.03
C PHE C 42 10.75 15.25 -1.91
N GLN C 43 10.54 14.86 -3.16
CA GLN C 43 11.61 14.69 -4.13
C GLN C 43 11.52 15.79 -5.20
N ASP C 44 12.40 16.77 -5.09
CA ASP C 44 12.33 17.96 -5.95
C ASP C 44 12.57 17.66 -7.44
N ASN C 45 13.45 16.71 -7.73
CA ASN C 45 13.74 16.31 -9.12
C ASN C 45 12.58 15.57 -9.78
N GLN C 46 11.88 14.74 -9.00
CA GLN C 46 10.73 13.99 -9.52
C GLN C 46 9.50 14.87 -9.76
N PHE C 47 9.40 15.98 -9.02
CA PHE C 47 8.28 16.92 -9.15
C PHE C 47 8.43 17.88 -10.35
N GLN C 48 9.62 17.91 -10.94
CA GLN C 48 9.91 18.76 -12.10
C GLN C 48 9.00 18.50 -13.29
N GLY C 49 8.91 19.51 -14.16
CA GLY C 49 8.18 19.39 -15.41
C GLY C 49 6.85 20.13 -15.40
N LYS C 50 6.01 19.81 -16.37
CA LYS C 50 4.73 20.47 -16.56
C LYS C 50 3.61 19.74 -15.81
N TRP C 51 2.77 20.51 -15.12
CA TRP C 51 1.53 20.01 -14.55
C TRP C 51 0.36 20.81 -15.13
N TYR C 52 -0.73 20.11 -15.45
CA TYR C 52 -1.98 20.77 -15.83
C TYR C 52 -2.83 20.98 -14.57
N VAL C 53 -3.50 22.14 -14.50
CA VAL C 53 -4.39 22.43 -13.37
C VAL C 53 -5.79 21.86 -13.66
N VAL C 54 -6.00 20.63 -13.19
CA VAL C 54 -7.25 19.89 -13.38
C VAL C 54 -8.32 20.29 -12.36
N GLY C 55 -7.87 20.86 -11.24
CA GLY C 55 -8.76 21.32 -10.19
C GLY C 55 -8.19 22.51 -9.46
N LEU C 56 -9.06 23.41 -9.03
CA LEU C 56 -8.66 24.65 -8.38
C LEU C 56 -9.72 25.03 -7.36
N ALA C 57 -9.28 25.30 -6.13
CA ALA C 57 -10.17 25.73 -5.05
C ALA C 57 -9.49 26.77 -4.17
N GLY C 58 -10.27 27.68 -3.58
CA GLY C 58 -9.73 28.73 -2.72
C GLY C 58 -10.74 29.77 -2.31
N ASN C 59 -10.36 30.62 -1.36
CA ASN C 59 -11.27 31.65 -0.82
C ASN C 59 -11.51 32.83 -1.77
N ALA C 60 -10.64 32.99 -2.78
CA ALA C 60 -10.85 33.96 -3.86
C ALA C 60 -11.27 33.29 -5.18
N ILE C 61 -11.53 31.98 -5.13
CA ILE C 61 -11.96 31.22 -6.30
C ILE C 61 -13.48 31.06 -6.27
N LEU C 62 -14.13 31.43 -7.36
CA LEU C 62 -15.59 31.35 -7.47
C LEU C 62 -16.01 30.64 -8.75
N ARG C 63 -16.92 29.67 -8.61
CA ARG C 63 -17.48 28.96 -9.75
C ARG C 63 -18.33 29.93 -10.58
N GLU C 64 -18.02 30.03 -11.87
CA GLU C 64 -18.69 30.97 -12.77
C GLU C 64 -19.15 30.21 -14.02
N ASP C 65 -20.39 29.74 -14.00
CA ASP C 65 -20.94 28.92 -15.07
C ASP C 65 -21.17 29.68 -16.38
N LYS C 66 -21.22 31.01 -16.32
CA LYS C 66 -21.36 31.84 -17.52
C LYS C 66 -20.09 31.78 -18.37
N ASP C 67 -18.96 32.09 -17.74
CA ASP C 67 -17.65 32.03 -18.39
C ASP C 67 -16.70 31.17 -17.56
N PRO C 68 -16.79 29.83 -17.72
CA PRO C 68 -16.06 28.90 -16.87
C PRO C 68 -14.53 28.96 -17.02
N GLN C 69 -13.83 28.72 -15.92
CA GLN C 69 -12.37 28.74 -15.90
C GLN C 69 -11.79 27.77 -16.94
N LYS C 70 -10.85 28.25 -17.73
CA LYS C 70 -10.13 27.42 -18.70
C LYS C 70 -8.93 26.79 -18.02
N MET C 71 -8.56 25.59 -18.47
CA MET C 71 -7.38 24.91 -17.96
C MET C 71 -6.13 25.71 -18.29
N TYR C 72 -5.21 25.79 -17.33
CA TYR C 72 -3.88 26.33 -17.56
C TYR C 72 -2.84 25.33 -17.05
N ALA C 73 -1.57 25.62 -17.32
CA ALA C 73 -0.48 24.72 -16.95
C ALA C 73 0.62 25.47 -16.21
N THR C 74 1.34 24.75 -15.37
CA THR C 74 2.46 25.30 -14.62
C THR C 74 3.68 24.39 -14.76
N ILE C 75 4.80 24.98 -15.15
CA ILE C 75 6.02 24.24 -15.41
C ILE C 75 7.05 24.54 -14.32
N TYR C 76 7.51 23.48 -13.66
CA TYR C 76 8.53 23.60 -12.61
C TYR C 76 9.87 23.13 -13.16
N GLU C 77 10.84 24.03 -13.19
CA GLU C 77 12.19 23.70 -13.64
C GLU C 77 13.18 23.90 -12.50
N LEU C 78 13.80 22.80 -12.09
CA LEU C 78 14.69 22.78 -10.93
C LEU C 78 16.05 23.36 -11.33
N LYS C 79 16.51 24.35 -10.58
CA LYS C 79 17.77 25.02 -10.87
C LYS C 79 18.93 24.38 -10.12
N GLU C 80 20.15 24.73 -10.51
CA GLU C 80 21.37 24.25 -9.85
C GLU C 80 21.38 24.55 -8.36
N ASP C 81 20.88 25.74 -8.00
CA ASP C 81 20.81 26.15 -6.59
C ASP C 81 19.59 25.57 -5.85
N LYS C 82 18.86 24.69 -6.53
CA LYS C 82 17.72 23.92 -5.97
C LYS C 82 16.44 24.72 -5.73
N SER C 83 16.36 25.93 -6.26
CA SER C 83 15.11 26.66 -6.34
C SER C 83 14.45 26.29 -7.67
N TYR C 84 13.15 26.55 -7.79
CA TYR C 84 12.42 26.32 -9.03
C TYR C 84 12.23 27.63 -9.79
N ASN C 85 12.48 27.60 -11.09
CA ASN C 85 11.91 28.58 -12.01
C ASN C 85 10.51 28.06 -12.36
N VAL C 86 9.49 28.81 -11.97
CA VAL C 86 8.10 28.37 -12.12
C VAL C 86 7.36 29.23 -13.14
N THR C 87 6.91 28.60 -14.22
CA THR C 87 6.22 29.29 -15.31
C THR C 87 4.81 28.76 -15.49
N SER C 88 3.82 29.63 -15.28
CA SER C 88 2.43 29.31 -15.57
C SER C 88 2.01 29.93 -16.90
N VAL C 89 1.24 29.17 -17.68
CA VAL C 89 0.78 29.63 -18.99
C VAL C 89 -0.73 29.44 -19.12
N LEU C 90 -1.44 30.54 -19.38
CA LEU C 90 -2.89 30.53 -19.53
C LEU C 90 -3.35 31.26 -20.79
N PHE C 91 -4.50 30.84 -21.31
CA PHE C 91 -5.10 31.44 -22.51
C PHE C 91 -6.12 32.48 -22.07
N ARG C 92 -5.73 33.75 -22.15
CA ARG C 92 -6.56 34.87 -21.70
C ARG C 92 -6.63 35.98 -22.76
N LYS C 93 -7.86 36.35 -23.12
CA LYS C 93 -8.12 37.43 -24.07
C LYS C 93 -7.39 37.21 -25.40
N LYS C 94 -7.59 36.02 -25.96
CA LYS C 94 -7.02 35.62 -27.25
C LYS C 94 -5.49 35.57 -27.30
N LYS C 95 -4.84 35.57 -26.13
CA LYS C 95 -3.38 35.53 -26.05
C LYS C 95 -2.90 34.53 -25.00
N CYS C 96 -1.66 34.07 -25.17
CA CYS C 96 -0.99 33.23 -24.18
C CYS C 96 -0.29 34.13 -23.17
N ASP C 97 -0.81 34.12 -21.94
CA ASP C 97 -0.23 34.90 -20.85
C ASP C 97 0.74 34.03 -20.05
N TYR C 98 1.94 34.54 -19.84
CA TYR C 98 3.00 33.82 -19.12
C TYR C 98 3.35 34.56 -17.83
N TRP C 99 3.45 33.81 -16.74
CA TRP C 99 3.87 34.34 -15.45
C TRP C 99 4.99 33.46 -14.90
N ILE C 100 6.19 34.03 -14.82
CA ILE C 100 7.37 33.31 -14.32
C ILE C 100 7.83 33.91 -12.99
N ARG C 101 8.12 33.04 -12.03
CA ARG C 101 8.62 33.46 -10.72
C ARG C 101 9.54 32.39 -10.13
N THR C 102 10.15 32.72 -9.00
CA THR C 102 11.09 31.83 -8.34
C THR C 102 10.52 31.30 -7.02
N PHE C 103 10.48 29.97 -6.89
CA PHE C 103 10.09 29.30 -5.65
C PHE C 103 11.37 28.85 -4.94
N VAL C 104 11.64 29.45 -3.78
CA VAL C 104 12.83 29.12 -2.98
C VAL C 104 12.47 28.07 -1.93
N PRO C 105 13.33 27.05 -1.74
CA PRO C 105 13.03 26.01 -0.75
C PRO C 105 12.81 26.55 0.66
N GLY C 106 11.71 26.15 1.27
CA GLY C 106 11.27 26.68 2.56
C GLY C 106 11.81 25.90 3.74
N SER C 107 11.11 26.00 4.88
CA SER C 107 11.56 25.42 6.14
C SER C 107 11.65 23.90 6.11
N GLN C 108 10.76 23.26 5.35
CA GLN C 108 10.76 21.80 5.20
CA GLN C 108 10.77 21.81 5.19
C GLN C 108 10.71 21.43 3.71
N PRO C 109 11.34 20.28 3.33
CA PRO C 109 11.27 19.87 1.93
C PRO C 109 9.83 19.73 1.44
N GLY C 110 9.52 20.35 0.30
CA GLY C 110 8.16 20.39 -0.23
C GLY C 110 7.45 21.71 0.05
N GLU C 111 8.08 22.56 0.85
CA GLU C 111 7.60 23.92 1.07
C GLU C 111 8.45 24.92 0.32
N PHE C 112 7.85 26.02 -0.10
CA PHE C 112 8.57 27.07 -0.82
C PHE C 112 8.10 28.47 -0.46
N THR C 113 9.05 29.40 -0.49
CA THR C 113 8.77 30.83 -0.39
C THR C 113 9.00 31.47 -1.76
N LEU C 114 8.56 32.72 -1.90
CA LEU C 114 8.69 33.44 -3.17
C LEU C 114 10.00 34.23 -3.20
N GLY C 115 10.76 34.02 -4.27
CA GLY C 115 12.00 34.78 -4.50
C GLY C 115 11.69 36.21 -4.90
N ASN C 116 12.52 37.14 -4.44
CA ASN C 116 12.39 38.56 -4.76
CA ASN C 116 12.39 38.56 -4.76
C ASN C 116 10.98 39.09 -4.48
N ILE C 117 10.48 38.81 -3.26
CA ILE C 117 9.12 39.20 -2.87
C ILE C 117 8.92 40.73 -2.86
N LYS C 118 10.00 41.47 -2.59
CA LYS C 118 9.95 42.94 -2.57
C LYS C 118 9.58 43.55 -3.93
N SER C 119 9.85 42.82 -5.01
CA SER C 119 9.50 43.28 -6.36
C SER C 119 7.99 43.19 -6.64
N TYR C 120 7.23 42.52 -5.78
CA TYR C 120 5.78 42.40 -5.92
C TYR C 120 5.08 43.38 -4.97
N PRO C 121 4.39 44.40 -5.52
CA PRO C 121 3.82 45.45 -4.67
C PRO C 121 2.57 45.01 -3.92
N GLY C 122 2.56 45.20 -2.61
CA GLY C 122 1.44 44.79 -1.75
C GLY C 122 1.59 43.39 -1.17
N LEU C 123 2.51 42.60 -1.74
CA LEU C 123 2.73 41.21 -1.31
C LEU C 123 3.73 41.16 -0.16
N THR C 124 3.24 40.76 1.01
CA THR C 124 4.06 40.70 2.23
C THR C 124 4.35 39.27 2.70
N SER C 125 3.60 38.30 2.17
CA SER C 125 3.75 36.90 2.55
C SER C 125 3.39 35.96 1.40
N PHE C 126 4.12 34.86 1.30
CA PHE C 126 3.87 33.84 0.28
C PHE C 126 4.41 32.49 0.72
N LEU C 127 3.55 31.48 0.72
CA LEU C 127 3.93 30.13 1.11
C LEU C 127 3.32 29.10 0.17
N VAL C 128 4.16 28.15 -0.25
CA VAL C 128 3.72 26.99 -1.01
C VAL C 128 3.97 25.74 -0.17
N ARG C 129 3.01 24.83 -0.18
CA ARG C 129 3.18 23.53 0.47
C ARG C 129 2.57 22.42 -0.38
N VAL C 130 3.44 21.54 -0.88
CA VAL C 130 2.99 20.34 -1.59
C VAL C 130 2.38 19.37 -0.58
N VAL C 131 1.09 19.12 -0.72
CA VAL C 131 0.33 18.30 0.22
C VAL C 131 0.54 16.82 -0.04
N SER C 132 0.37 16.43 -1.30
CA SER C 132 0.51 15.03 -1.71
C SER C 132 0.82 14.94 -3.20
N THR C 133 1.57 13.91 -3.58
CA THR C 133 1.90 13.67 -4.98
C THR C 133 2.49 12.27 -5.18
N ASN C 134 2.22 11.67 -6.33
CA ASN C 134 2.91 10.46 -6.75
C ASN C 134 3.88 10.73 -7.90
N TYR C 135 4.06 12.02 -8.21
CA TYR C 135 5.08 12.52 -9.15
C TYR C 135 4.81 12.26 -10.65
N ASN C 136 4.33 11.08 -11.01
CA ASN C 136 4.12 10.69 -12.41
CA ASN C 136 4.12 10.73 -12.42
C ASN C 136 2.68 10.86 -12.90
N GLN C 137 1.75 11.17 -12.00
CA GLN C 137 0.33 11.31 -12.38
C GLN C 137 -0.36 12.54 -11.81
N HIS C 138 -0.25 12.75 -10.49
CA HIS C 138 -1.05 13.78 -9.82
C HIS C 138 -0.36 14.42 -8.63
N ALA C 139 -0.84 15.61 -8.27
CA ALA C 139 -0.36 16.34 -7.10
C ALA C 139 -1.44 17.26 -6.54
N MET C 140 -1.38 17.49 -5.23
CA MET C 140 -2.17 18.52 -4.57
C MET C 140 -1.20 19.50 -3.90
N VAL C 141 -1.34 20.78 -4.23
CA VAL C 141 -0.46 21.82 -3.71
C VAL C 141 -1.25 22.98 -3.10
N PHE C 142 -0.85 23.36 -1.88
CA PHE C 142 -1.47 24.42 -1.11
C PHE C 142 -0.68 25.72 -1.28
N PHE C 143 -1.37 26.81 -1.56
CA PHE C 143 -0.77 28.13 -1.65
C PHE C 143 -1.43 29.08 -0.65
N LYS C 144 -0.61 29.94 -0.03
CA LYS C 144 -1.10 30.98 0.87
C LYS C 144 -0.32 32.27 0.63
N LYS C 145 -1.03 33.39 0.59
CA LYS C 145 -0.39 34.70 0.45
C LYS C 145 -1.16 35.78 1.18
N VAL C 146 -0.43 36.81 1.63
CA VAL C 146 -1.04 38.01 2.17
C VAL C 146 -0.78 39.15 1.19
N SER C 147 -1.84 39.59 0.51
CA SER C 147 -1.77 40.68 -0.44
C SER C 147 -2.72 41.80 -0.01
N GLN C 148 -2.17 43.01 0.14
CA GLN C 148 -2.92 44.15 0.66
C GLN C 148 -3.47 43.84 2.07
N ASN C 149 -2.67 43.13 2.86
CA ASN C 149 -3.06 42.68 4.21
C ASN C 149 -4.26 41.74 4.26
N ARG C 150 -4.64 41.18 3.11
CA ARG C 150 -5.72 40.20 3.01
C ARG C 150 -5.12 38.83 2.74
N GLU C 151 -5.55 37.83 3.51
CA GLU C 151 -4.99 36.49 3.43
C GLU C 151 -5.78 35.58 2.49
N TYR C 152 -5.16 35.25 1.36
CA TYR C 152 -5.73 34.35 0.37
C TYR C 152 -5.10 32.97 0.48
N PHE C 153 -5.89 31.93 0.22
CA PHE C 153 -5.36 30.58 0.08
C PHE C 153 -6.05 29.86 -1.08
N LYS C 154 -5.31 28.96 -1.72
CA LYS C 154 -5.87 28.11 -2.75
C LYS C 154 -5.20 26.73 -2.74
N ILE C 155 -5.92 25.75 -3.29
CA ILE C 155 -5.38 24.42 -3.51
C ILE C 155 -5.50 24.10 -4.99
N THR C 156 -4.43 23.59 -5.59
CA THR C 156 -4.45 23.14 -6.97
C THR C 156 -4.37 21.61 -7.03
N LEU C 157 -5.21 21.02 -7.86
CA LEU C 157 -5.10 19.62 -8.22
C LEU C 157 -4.35 19.56 -9.55
N TYR C 158 -3.15 19.00 -9.51
CA TYR C 158 -2.28 18.91 -10.68
C TYR C 158 -2.39 17.54 -11.33
N GLY C 159 -2.36 17.52 -12.66
CA GLY C 159 -2.27 16.28 -13.43
C GLY C 159 -1.15 16.39 -14.45
N ARG C 160 -0.48 15.27 -14.73
CA ARG C 160 0.52 15.21 -15.81
C ARG C 160 -0.17 15.23 -17.17
N THR C 161 -1.41 14.74 -17.21
CA THR C 161 -2.28 14.88 -18.37
C THR C 161 -3.47 15.78 -18.02
N LYS C 162 -4.30 16.11 -19.01
CA LYS C 162 -5.43 17.04 -18.82
C LYS C 162 -6.63 16.43 -18.08
N GLU C 163 -6.57 15.14 -17.78
CA GLU C 163 -7.65 14.47 -17.03
C GLU C 163 -7.12 13.59 -15.90
N LEU C 164 -7.96 13.42 -14.87
CA LEU C 164 -7.66 12.52 -13.75
C LEU C 164 -8.92 11.77 -13.34
N THR C 165 -8.74 10.71 -12.57
CA THR C 165 -9.84 9.84 -12.16
C THR C 165 -10.86 10.57 -11.28
N SER C 166 -12.09 10.06 -11.28
CA SER C 166 -13.14 10.54 -10.38
C SER C 166 -12.70 10.45 -8.92
N GLU C 167 -11.97 9.39 -8.60
CA GLU C 167 -11.45 9.18 -7.24
C GLU C 167 -10.55 10.32 -6.77
N LEU C 168 -9.60 10.71 -7.60
CA LEU C 168 -8.66 11.79 -7.28
C LEU C 168 -9.38 13.13 -7.14
N LYS C 169 -10.37 13.36 -8.00
CA LYS C 169 -11.13 14.61 -7.99
C LYS C 169 -12.01 14.71 -6.73
N GLU C 170 -12.66 13.61 -6.33
CA GLU C 170 -13.45 13.60 -5.11
CA GLU C 170 -13.46 13.58 -5.10
C GLU C 170 -12.58 13.73 -3.85
N ASN C 171 -11.39 13.13 -3.89
CA ASN C 171 -10.38 13.32 -2.84
CA ASN C 171 -10.41 13.32 -2.82
C ASN C 171 -10.05 14.80 -2.66
N PHE C 172 -9.88 15.49 -3.79
CA PHE C 172 -9.56 16.93 -3.83
C PHE C 172 -10.71 17.78 -3.27
N ILE C 173 -11.93 17.45 -3.67
CA ILE C 173 -13.12 18.12 -3.13
C ILE C 173 -13.22 17.93 -1.62
N ARG C 174 -13.00 16.70 -1.18
CA ARG C 174 -13.03 16.36 0.24
C ARG C 174 -11.98 17.11 1.06
N PHE C 175 -10.77 17.23 0.51
CA PHE C 175 -9.69 17.98 1.16
C PHE C 175 -10.00 19.47 1.20
N SER C 176 -10.51 20.01 0.09
CA SER C 176 -10.87 21.43 0.00
C SER C 176 -11.96 21.79 1.03
N LYS C 177 -12.96 20.91 1.16
CA LYS C 177 -14.02 21.10 2.16
C LYS C 177 -13.52 21.03 3.59
N SER C 178 -12.52 20.18 3.84
CA SER C 178 -11.89 20.09 5.17
C SER C 178 -11.16 21.37 5.57
N LEU C 179 -10.79 22.19 4.58
CA LEU C 179 -10.16 23.48 4.81
C LEU C 179 -11.19 24.64 4.88
N GLY C 180 -12.47 24.28 4.85
CA GLY C 180 -13.56 25.25 5.08
C GLY C 180 -14.17 25.87 3.83
N LEU C 181 -13.83 25.33 2.66
CA LEU C 181 -14.33 25.85 1.40
C LEU C 181 -15.61 25.12 0.98
N PRO C 182 -16.67 25.87 0.61
CA PRO C 182 -17.87 25.25 0.05
C PRO C 182 -17.73 24.94 -1.44
N GLU C 183 -18.68 24.16 -1.98
CA GLU C 183 -18.64 23.67 -3.36
CA GLU C 183 -18.66 23.68 -3.36
C GLU C 183 -18.44 24.78 -4.39
N ASN C 184 -19.08 25.92 -4.18
CA ASN C 184 -18.99 27.03 -5.14
C ASN C 184 -17.61 27.72 -5.16
N HIS C 185 -16.73 27.34 -4.23
CA HIS C 185 -15.33 27.78 -4.26
C HIS C 185 -14.38 26.68 -4.78
N ILE C 186 -14.95 25.68 -5.45
CA ILE C 186 -14.19 24.55 -6.00
C ILE C 186 -14.54 24.39 -7.47
N VAL C 187 -13.56 24.62 -8.36
CA VAL C 187 -13.79 24.53 -9.80
C VAL C 187 -12.85 23.53 -10.48
N PHE C 188 -13.32 22.99 -11.60
CA PHE C 188 -12.53 22.08 -12.42
C PHE C 188 -12.38 22.67 -13.82
N PRO C 189 -11.25 23.36 -14.06
CA PRO C 189 -10.98 24.01 -15.33
C PRO C 189 -11.19 23.13 -16.57
N VAL C 190 -11.81 23.71 -17.59
CA VAL C 190 -12.12 23.00 -18.83
C VAL C 190 -10.85 22.84 -19.67
N PRO C 191 -10.51 21.59 -20.05
CA PRO C 191 -9.35 21.36 -20.91
C PRO C 191 -9.38 22.17 -22.20
N ILE C 192 -8.24 22.75 -22.57
CA ILE C 192 -8.08 23.47 -23.83
C ILE C 192 -6.79 23.06 -24.52
N ASP C 193 -6.65 23.45 -25.78
CA ASP C 193 -5.45 23.14 -26.58
C ASP C 193 -4.53 24.34 -26.77
N GLN C 194 -5.07 25.55 -26.66
CA GLN C 194 -4.28 26.76 -26.86
C GLN C 194 -3.31 27.00 -25.71
N CYS C 195 -2.07 27.37 -26.07
CA CYS C 195 -1.02 27.81 -25.13
C CYS C 195 -0.40 26.75 -24.23
N ILE C 196 -1.23 25.86 -23.68
CA ILE C 196 -0.80 24.99 -22.57
C ILE C 196 -0.09 23.70 -23.00
N ASP C 197 -0.10 23.39 -24.29
CA ASP C 197 0.58 22.19 -24.81
C ASP C 197 1.94 22.51 -25.41
#